data_6INI
#
_entry.id   6INI
#
_cell.length_a   97.662
_cell.length_b   97.662
_cell.length_c   89.626
_cell.angle_alpha   90.00
_cell.angle_beta   90.00
_cell.angle_gamma   120.00
#
_symmetry.space_group_name_H-M   'P 31 2 1'
#
loop_
_entity.id
_entity.type
_entity.pdbx_description
1 polymer 'UDP-glycosyltransferase 76G1'
2 non-polymer "URIDINE-5'-DIPHOSPHATE"
3 non-polymer GLYCEROL
4 non-polymer '(8alpha,9beta,10alpha,13alpha)-13-{[beta-D-glucopyranosyl-(1->2)-[beta-D-glucopyranosyl-(1->3)]-beta-D-glucopyranosyl]oxy}kaur-16-en-18-oic acid'
5 non-polymer 1-O-[(8alpha,9beta,10alpha,13alpha)-13-(beta-D-glucopyranosyloxy)-18-oxokaur-16-en-18-yl]-beta-D-glucopyranose
6 water water
#
_entity_poly.entity_id   1
_entity_poly.type   'polypeptide(L)'
_entity_poly.pdbx_seq_one_letter_code
;MENKTETTVRRRRRIILFPVPFQGHINPILQLANVLYSKGFSITIFHTNFNKPKTSNYPHFTFRFILDNDPQDERISNLP
THGPLAGMRIPIINEHGADELRRELELLMLASEEDEEVSCLITDALWYFAQSVADSLNLRRLVLMTSSLFNFHAHVSLPQ
FDELGYLDPDDKTRLEEQASGFPMLKVKDIKSAYSNWQILKEILGKMIKQTKASSGVIWNSFKELEESELETVIREIPAP
SFLIPLPKHLTASSSSLLDHDRTVFQWLDQQPPSSVLYVSFGSTSEVDEKDFLEIARGLVDSKQSFLWVVRPGFVKGSTW
VEPLPDGFLGERGRIVKWVPQQEVLAHGAIGAFWTHSGWNSTLESVCEGVPMIFSDFGLDQPLNARYMSDVLKVGVYLEN
GWERGEIANAIRRVMVDEEGEYIRQNARVLKQKADVSLMKGGSSYESLESLVSYISSLLEHHHHHH
;
_entity_poly.pdbx_strand_id   A
#
loop_
_chem_comp.id
_chem_comp.type
_chem_comp.name
_chem_comp.formula
AQ9 non-polymer 1-O-[(8alpha,9beta,10alpha,13alpha)-13-(beta-D-glucopyranosyloxy)-18-oxokaur-16-en-18-yl]-beta-D-glucopyranose 'C32 H50 O13'
AUO non-polymer '(8alpha,9beta,10alpha,13alpha)-13-{[beta-D-glucopyranosyl-(1->2)-[beta-D-glucopyranosyl-(1->3)]-beta-D-glucopyranosyl]oxy}kaur-16-en-18-oic acid' 'C38 H60 O18'
GOL non-polymer GLYCEROL 'C3 H8 O3'
UDP RNA linking URIDINE-5'-DIPHOSPHATE 'C9 H14 N2 O12 P2'
#
# COMPACT_ATOMS: atom_id res chain seq x y z
N ARG A 11 23.43 -2.17 -20.65
CA ARG A 11 22.61 -3.31 -20.08
C ARG A 11 21.82 -3.97 -21.22
N ARG A 12 21.84 -5.31 -21.27
CA ARG A 12 21.21 -6.11 -22.34
C ARG A 12 19.69 -6.07 -22.21
N ARG A 13 19.16 -6.10 -20.97
CA ARG A 13 17.72 -6.42 -20.71
C ARG A 13 17.03 -5.23 -20.02
N ARG A 14 15.96 -4.72 -20.62
CA ARG A 14 15.17 -3.59 -20.10
C ARG A 14 13.82 -4.09 -19.56
N ILE A 15 13.39 -3.52 -18.46
CA ILE A 15 12.04 -3.74 -17.87
C ILE A 15 11.32 -2.39 -17.91
N ILE A 16 10.10 -2.41 -18.40
CA ILE A 16 9.17 -1.25 -18.35
C ILE A 16 8.24 -1.49 -17.17
N LEU A 17 8.10 -0.51 -16.30
CA LEU A 17 7.13 -0.57 -15.19
C LEU A 17 6.13 0.57 -15.35
N PHE A 18 4.90 0.28 -14.99
CA PHE A 18 3.74 1.17 -15.18
C PHE A 18 2.93 1.20 -13.90
N PRO A 19 3.19 2.21 -13.04
CA PRO A 19 2.48 2.31 -11.77
C PRO A 19 1.12 2.97 -11.89
N VAL A 20 0.30 2.72 -10.90
CA VAL A 20 -0.91 3.55 -10.62
C VAL A 20 -0.43 4.81 -9.94
N PRO A 21 -0.84 6.02 -10.39
CA PRO A 21 -0.23 7.25 -9.90
C PRO A 21 -0.79 7.79 -8.59
N PHE A 22 -0.65 7.01 -7.54
CA PHE A 22 -0.98 7.40 -6.16
C PHE A 22 0.16 6.90 -5.26
N GLN A 23 0.36 7.55 -4.13
CA GLN A 23 1.58 7.31 -3.30
C GLN A 23 1.77 5.84 -2.91
N GLY A 24 0.68 5.15 -2.57
CA GLY A 24 0.70 3.74 -2.13
C GLY A 24 0.95 2.78 -3.27
N HIS A 25 1.01 3.27 -4.51
CA HIS A 25 1.22 2.47 -5.72
C HIS A 25 2.56 2.81 -6.34
N ILE A 26 2.92 4.10 -6.36
CA ILE A 26 4.23 4.56 -6.88
CA ILE A 26 4.24 4.52 -6.90
C ILE A 26 5.36 4.01 -5.99
N ASN A 27 5.17 4.00 -4.68
CA ASN A 27 6.23 3.63 -3.71
C ASN A 27 6.69 2.22 -3.99
N PRO A 28 5.81 1.18 -3.94
CA PRO A 28 6.27 -0.18 -4.18
C PRO A 28 6.84 -0.40 -5.59
N ILE A 29 6.30 0.23 -6.63
N ILE A 29 6.25 0.21 -6.64
CA ILE A 29 6.81 -0.11 -7.98
CA ILE A 29 6.75 0.04 -8.04
C ILE A 29 8.18 0.53 -8.20
C ILE A 29 8.19 0.52 -8.15
N LEU A 30 8.50 1.66 -7.56
CA LEU A 30 9.86 2.27 -7.70
C LEU A 30 10.81 1.54 -6.74
N GLN A 31 10.33 1.00 -5.62
CA GLN A 31 11.18 0.09 -4.80
C GLN A 31 11.55 -1.13 -5.65
N LEU A 32 10.56 -1.76 -6.29
CA LEU A 32 10.79 -2.94 -7.14
C LEU A 32 11.76 -2.57 -8.27
N ALA A 33 11.55 -1.42 -8.91
CA ALA A 33 12.40 -0.94 -10.03
C ALA A 33 13.86 -0.88 -9.57
N ASN A 34 14.09 -0.34 -8.38
CA ASN A 34 15.44 -0.23 -7.78
C ASN A 34 16.03 -1.62 -7.54
N VAL A 35 15.24 -2.52 -6.99
CA VAL A 35 15.71 -3.90 -6.73
C VAL A 35 16.13 -4.55 -8.06
N LEU A 36 15.33 -4.37 -9.13
CA LEU A 36 15.61 -4.97 -10.45
C LEU A 36 16.82 -4.26 -11.10
N TYR A 37 16.97 -2.96 -10.89
CA TYR A 37 18.16 -2.19 -11.33
C TYR A 37 19.43 -2.78 -10.66
N SER A 38 19.34 -3.01 -9.36
CA SER A 38 20.40 -3.66 -8.53
C SER A 38 20.79 -5.02 -9.09
N LYS A 39 19.87 -5.73 -9.75
CA LYS A 39 20.11 -7.07 -10.32
C LYS A 39 20.56 -6.96 -11.78
N GLY A 40 20.76 -5.76 -12.32
CA GLY A 40 21.41 -5.55 -13.62
C GLY A 40 20.45 -5.22 -14.76
N PHE A 41 19.15 -4.96 -14.50
CA PHE A 41 18.19 -4.60 -15.57
C PHE A 41 18.21 -3.09 -15.75
N SER A 42 18.04 -2.61 -16.99
CA SER A 42 17.73 -1.18 -17.25
C SER A 42 16.23 -0.98 -17.04
N ILE A 43 15.85 0.25 -16.70
CA ILE A 43 14.48 0.54 -16.20
C ILE A 43 13.92 1.72 -16.97
N THR A 44 12.73 1.51 -17.54
CA THR A 44 11.86 2.60 -18.04
C THR A 44 10.58 2.62 -17.19
N ILE A 45 10.20 3.80 -16.73
CA ILE A 45 8.93 4.01 -16.01
C ILE A 45 7.97 4.75 -16.93
N PHE A 46 6.82 4.14 -17.23
CA PHE A 46 5.67 4.79 -17.88
C PHE A 46 4.81 5.40 -16.76
N HIS A 47 4.56 6.70 -16.78
CA HIS A 47 3.81 7.39 -15.70
C HIS A 47 2.91 8.46 -16.29
N THR A 48 1.76 8.69 -15.66
CA THR A 48 0.92 9.88 -15.96
C THR A 48 1.69 11.15 -15.55
N ASN A 49 1.40 12.27 -16.20
CA ASN A 49 1.88 13.58 -15.69
C ASN A 49 1.32 13.79 -14.28
N PHE A 50 0.06 13.39 -14.10
CA PHE A 50 -0.66 13.46 -12.81
C PHE A 50 0.13 12.73 -11.73
N ASN A 51 0.35 13.38 -10.59
CA ASN A 51 1.03 12.77 -9.39
C ASN A 51 2.40 12.19 -9.76
N LYS A 52 3.11 12.80 -10.70
CA LYS A 52 4.45 12.28 -11.08
C LYS A 52 5.39 12.45 -9.89
N PRO A 53 6.33 11.51 -9.72
CA PRO A 53 7.38 11.66 -8.72
C PRO A 53 8.46 12.59 -9.28
N LYS A 54 9.46 12.90 -8.45
CA LYS A 54 10.61 13.74 -8.85
C LYS A 54 11.57 12.89 -9.69
N THR A 55 11.58 13.07 -11.01
CA THR A 55 12.41 12.25 -11.91
C THR A 55 13.89 12.53 -11.67
N SER A 56 14.21 13.68 -11.07
CA SER A 56 15.60 14.07 -10.72
C SER A 56 16.12 13.18 -9.58
N ASN A 57 15.25 12.49 -8.86
CA ASN A 57 15.70 11.53 -7.81
C ASN A 57 16.12 10.20 -8.45
N TYR A 58 15.87 9.99 -9.74
CA TYR A 58 16.10 8.70 -10.45
C TYR A 58 16.92 8.89 -11.71
N PRO A 59 18.18 9.34 -11.59
CA PRO A 59 19.04 9.58 -12.75
C PRO A 59 19.30 8.29 -13.53
N HIS A 60 19.19 7.13 -12.86
CA HIS A 60 19.44 5.77 -13.41
C HIS A 60 18.21 5.19 -14.12
N PHE A 61 17.04 5.87 -14.09
CA PHE A 61 15.80 5.41 -14.76
C PHE A 61 15.46 6.37 -15.91
N THR A 62 14.85 5.82 -16.95
CA THR A 62 14.17 6.63 -18.00
C THR A 62 12.69 6.74 -17.66
N PHE A 63 12.16 7.96 -17.62
CA PHE A 63 10.70 8.20 -17.48
C PHE A 63 10.10 8.56 -18.84
N ARG A 64 8.92 8.03 -19.11
CA ARG A 64 8.09 8.41 -20.29
C ARG A 64 6.71 8.78 -19.75
N PHE A 65 6.26 10.01 -19.97
CA PHE A 65 4.94 10.47 -19.50
C PHE A 65 3.88 10.18 -20.56
N ILE A 66 2.80 9.52 -20.14
CA ILE A 66 1.75 8.98 -21.05
C ILE A 66 0.35 9.30 -20.50
N LEU A 67 -0.65 9.17 -21.39
CA LEU A 67 -2.11 9.08 -21.10
C LEU A 67 -2.75 10.44 -20.75
N ASP A 68 -2.05 11.39 -20.14
CA ASP A 68 -2.67 12.69 -19.79
C ASP A 68 -1.79 13.84 -20.28
N ASN A 69 -1.08 13.63 -21.39
CA ASN A 69 -0.35 14.72 -22.10
C ASN A 69 -1.37 15.66 -22.73
N ASP A 70 -1.07 16.96 -22.78
CA ASP A 70 -1.90 17.99 -23.48
C ASP A 70 -1.88 17.68 -24.98
N PRO A 71 -3.02 17.82 -25.70
CA PRO A 71 -4.32 18.17 -25.11
C PRO A 71 -4.98 16.96 -24.45
N GLN A 72 -5.65 17.17 -23.31
CA GLN A 72 -6.19 16.08 -22.47
C GLN A 72 -7.56 15.64 -22.99
N ASP A 73 -7.83 14.35 -22.83
CA ASP A 73 -9.12 13.66 -23.15
C ASP A 73 -10.26 14.30 -22.35
N GLU A 74 -11.44 14.41 -22.96
CA GLU A 74 -12.73 14.79 -22.30
C GLU A 74 -12.91 14.06 -20.97
N ARG A 75 -12.53 12.79 -20.90
CA ARG A 75 -12.84 11.87 -19.76
C ARG A 75 -11.91 12.16 -18.57
N ILE A 76 -10.75 12.78 -18.81
CA ILE A 76 -9.69 12.99 -17.78
C ILE A 76 -9.46 14.49 -17.52
N SER A 77 -9.77 15.36 -18.48
CA SER A 77 -9.37 16.79 -18.53
C SER A 77 -9.75 17.54 -17.24
N ASN A 78 -10.89 17.23 -16.63
CA ASN A 78 -11.46 18.05 -15.51
C ASN A 78 -11.63 17.24 -14.23
N LEU A 79 -10.99 16.07 -14.13
CA LEU A 79 -11.00 15.27 -12.87
C LEU A 79 -10.18 16.01 -11.83
N PRO A 80 -10.65 16.09 -10.56
CA PRO A 80 -9.89 16.77 -9.52
C PRO A 80 -8.54 16.08 -9.27
N THR A 81 -7.55 16.87 -8.85
CA THR A 81 -6.15 16.41 -8.68
C THR A 81 -5.90 15.98 -7.24
N HIS A 82 -6.80 16.31 -6.31
CA HIS A 82 -6.69 15.90 -4.89
C HIS A 82 -8.05 15.39 -4.39
N GLY A 83 -8.05 14.82 -3.19
CA GLY A 83 -9.25 14.24 -2.57
C GLY A 83 -9.53 12.85 -3.14
N PRO A 84 -10.40 12.04 -2.51
CA PRO A 84 -10.67 10.68 -3.00
C PRO A 84 -11.15 10.62 -4.46
N LEU A 85 -11.76 11.70 -4.99
CA LEU A 85 -12.38 11.69 -6.36
C LEU A 85 -11.32 11.59 -7.47
N ALA A 86 -10.08 11.96 -7.20
CA ALA A 86 -8.92 11.87 -8.12
C ALA A 86 -8.73 10.42 -8.60
N GLY A 87 -9.16 9.44 -7.79
CA GLY A 87 -9.05 8.01 -8.12
C GLY A 87 -9.93 7.61 -9.30
N MET A 88 -10.83 8.49 -9.74
CA MET A 88 -11.65 8.20 -10.94
C MET A 88 -10.74 7.92 -12.14
N ARG A 89 -9.48 8.38 -12.11
CA ARG A 89 -8.52 8.09 -13.20
C ARG A 89 -8.29 6.59 -13.40
N ILE A 90 -8.47 5.78 -12.36
CA ILE A 90 -8.18 4.31 -12.42
C ILE A 90 -9.20 3.63 -13.35
N PRO A 91 -10.53 3.66 -13.12
CA PRO A 91 -11.43 3.01 -14.07
C PRO A 91 -11.39 3.65 -15.48
N ILE A 92 -11.19 4.96 -15.56
CA ILE A 92 -11.16 5.68 -16.87
C ILE A 92 -9.97 5.21 -17.70
N ILE A 93 -8.76 5.14 -17.12
CA ILE A 93 -7.56 4.70 -17.90
C ILE A 93 -7.72 3.23 -18.29
N ASN A 94 -8.30 2.40 -17.41
CA ASN A 94 -8.54 0.97 -17.76
C ASN A 94 -9.50 0.90 -18.96
N GLU A 95 -10.53 1.73 -18.97
CA GLU A 95 -11.56 1.66 -20.04
C GLU A 95 -11.04 2.26 -21.36
N HIS A 96 -10.14 3.25 -21.33
CA HIS A 96 -9.83 4.09 -22.52
C HIS A 96 -8.35 4.21 -22.86
N GLY A 97 -7.44 3.60 -22.10
CA GLY A 97 -6.00 3.83 -22.27
C GLY A 97 -5.30 2.87 -23.22
N ALA A 98 -5.96 1.80 -23.66
CA ALA A 98 -5.26 0.68 -24.34
C ALA A 98 -4.52 1.20 -25.57
N ASP A 99 -5.18 1.98 -26.42
CA ASP A 99 -4.56 2.38 -27.71
C ASP A 99 -3.29 3.19 -27.46
N GLU A 100 -3.31 4.15 -26.54
CA GLU A 100 -2.12 4.98 -26.24
C GLU A 100 -1.01 4.14 -25.61
N LEU A 101 -1.34 3.24 -24.68
CA LEU A 101 -0.31 2.37 -24.07
C LEU A 101 0.34 1.53 -25.16
N ARG A 102 -0.43 0.99 -26.10
CA ARG A 102 0.16 0.16 -27.16
C ARG A 102 1.10 1.01 -28.04
N ARG A 103 0.70 2.23 -28.39
CA ARG A 103 1.54 3.15 -29.21
C ARG A 103 2.86 3.40 -28.50
N GLU A 104 2.81 3.67 -27.19
CA GLU A 104 3.99 4.06 -26.38
C GLU A 104 4.91 2.86 -26.29
N LEU A 105 4.38 1.67 -26.02
CA LEU A 105 5.19 0.44 -25.97
C LEU A 105 5.83 0.20 -27.35
N GLU A 106 5.04 0.32 -28.42
CA GLU A 106 5.58 0.12 -29.79
C GLU A 106 6.71 1.09 -30.07
N LEU A 107 6.53 2.37 -29.78
CA LEU A 107 7.55 3.34 -30.27
C LEU A 107 8.81 3.20 -29.41
N LEU A 108 8.69 2.75 -28.16
CA LEU A 108 9.89 2.44 -27.34
C LEU A 108 10.64 1.30 -28.01
N MET A 109 9.95 0.20 -28.33
CA MET A 109 10.59 -1.02 -28.90
C MET A 109 11.17 -0.71 -30.29
N LEU A 110 10.55 0.18 -31.08
CA LEU A 110 11.05 0.59 -32.42
C LEU A 110 12.33 1.44 -32.27
N ALA A 111 12.41 2.29 -31.24
CA ALA A 111 13.55 3.21 -31.00
C ALA A 111 14.71 2.47 -30.31
N SER A 112 14.50 1.25 -29.80
CA SER A 112 15.49 0.54 -28.93
C SER A 112 16.77 0.25 -29.73
N GLU A 113 17.91 0.13 -29.04
CA GLU A 113 19.19 -0.31 -29.64
C GLU A 113 19.06 -1.80 -29.99
N GLU A 114 19.86 -2.28 -30.95
CA GLU A 114 19.77 -3.69 -31.46
C GLU A 114 20.41 -4.65 -30.46
N ASP A 115 21.22 -4.16 -29.51
CA ASP A 115 21.88 -4.99 -28.46
C ASP A 115 20.94 -5.15 -27.25
N GLU A 116 19.95 -4.26 -27.07
CA GLU A 116 19.02 -4.29 -25.90
C GLU A 116 17.63 -4.75 -26.34
N GLU A 117 16.94 -5.52 -25.49
CA GLU A 117 15.54 -5.94 -25.73
C GLU A 117 14.74 -5.79 -24.43
N VAL A 118 13.43 -5.59 -24.57
CA VAL A 118 12.50 -5.45 -23.42
C VAL A 118 12.12 -6.85 -22.94
N SER A 119 12.45 -7.19 -21.69
CA SER A 119 12.17 -8.54 -21.13
C SER A 119 10.68 -8.67 -20.87
N CYS A 120 10.11 -7.63 -20.26
CA CYS A 120 8.71 -7.68 -19.82
C CYS A 120 8.26 -6.27 -19.44
N LEU A 121 6.96 -6.19 -19.29
CA LEU A 121 6.22 -5.06 -18.72
C LEU A 121 5.74 -5.49 -17.35
N ILE A 122 5.99 -4.68 -16.32
CA ILE A 122 5.43 -4.91 -14.97
C ILE A 122 4.42 -3.80 -14.72
N THR A 123 3.19 -4.16 -14.44
CA THR A 123 2.18 -3.13 -14.10
C THR A 123 1.66 -3.37 -12.70
N ASP A 124 1.10 -2.31 -12.14
CA ASP A 124 0.16 -2.46 -11.02
C ASP A 124 -0.95 -3.46 -11.42
N ALA A 125 -1.39 -4.28 -10.49
CA ALA A 125 -2.51 -5.21 -10.70
C ALA A 125 -3.77 -4.47 -11.13
N LEU A 126 -3.98 -3.23 -10.70
CA LEU A 126 -5.22 -2.48 -11.02
C LEU A 126 -5.24 -2.07 -12.49
N TRP A 127 -4.11 -2.11 -13.20
CA TRP A 127 -4.08 -1.85 -14.67
C TRP A 127 -4.38 -3.16 -15.40
N TYR A 128 -5.56 -3.69 -15.21
CA TYR A 128 -5.99 -4.96 -15.84
C TYR A 128 -6.02 -4.79 -17.37
N PHE A 129 -6.23 -3.57 -17.87
CA PHE A 129 -6.29 -3.32 -19.33
C PHE A 129 -4.96 -3.66 -20.00
N ALA A 130 -3.85 -3.62 -19.26
CA ALA A 130 -2.51 -3.76 -19.85
C ALA A 130 -2.25 -5.18 -20.31
N GLN A 131 -2.96 -6.20 -19.81
CA GLN A 131 -2.70 -7.60 -20.22
C GLN A 131 -2.95 -7.74 -21.73
N SER A 132 -4.11 -7.32 -22.21
CA SER A 132 -4.47 -7.45 -23.65
CA SER A 132 -4.47 -7.45 -23.65
C SER A 132 -3.49 -6.63 -24.49
N VAL A 133 -3.06 -5.47 -24.01
CA VAL A 133 -2.10 -4.61 -24.74
C VAL A 133 -0.77 -5.37 -24.88
N ALA A 134 -0.23 -5.86 -23.77
CA ALA A 134 1.03 -6.64 -23.79
C ALA A 134 0.88 -7.86 -24.71
N ASP A 135 -0.24 -8.60 -24.61
CA ASP A 135 -0.46 -9.82 -25.44
C ASP A 135 -0.36 -9.42 -26.92
N SER A 136 -0.92 -8.27 -27.28
CA SER A 136 -1.05 -7.81 -28.69
C SER A 136 0.33 -7.49 -29.29
N LEU A 137 1.34 -7.32 -28.44
CA LEU A 137 2.73 -7.00 -28.86
C LEU A 137 3.64 -8.21 -28.64
N ASN A 138 3.12 -9.35 -28.18
CA ASN A 138 3.92 -10.52 -27.78
C ASN A 138 4.95 -10.11 -26.71
N LEU A 139 4.51 -9.26 -25.80
CA LEU A 139 5.27 -8.82 -24.61
C LEU A 139 4.67 -9.49 -23.38
N ARG A 140 5.51 -10.10 -22.56
CA ARG A 140 5.05 -10.70 -21.29
C ARG A 140 4.76 -9.59 -20.29
N ARG A 141 3.66 -9.73 -19.54
CA ARG A 141 3.26 -8.80 -18.45
CA ARG A 141 3.30 -8.79 -18.45
C ARG A 141 3.37 -9.53 -17.10
N LEU A 142 4.10 -8.97 -16.17
CA LEU A 142 4.05 -9.39 -14.76
C LEU A 142 3.24 -8.34 -14.01
N VAL A 143 2.63 -8.76 -12.91
CA VAL A 143 1.77 -7.88 -12.07
C VAL A 143 2.47 -7.66 -10.74
N LEU A 144 2.44 -6.44 -10.24
CA LEU A 144 2.79 -6.13 -8.85
C LEU A 144 1.50 -5.92 -8.06
N MET A 145 1.33 -6.76 -7.07
CA MET A 145 0.25 -6.60 -6.06
CA MET A 145 0.26 -6.59 -6.05
C MET A 145 0.76 -5.66 -4.96
N THR A 146 0.10 -4.53 -4.80
CA THR A 146 0.49 -3.52 -3.80
C THR A 146 -0.31 -3.72 -2.53
N SER A 147 -1.26 -4.66 -2.51
CA SER A 147 -2.01 -5.03 -1.29
C SER A 147 -1.75 -6.50 -0.98
N SER A 148 -2.31 -6.98 0.11
CA SER A 148 -1.90 -8.27 0.73
C SER A 148 -2.47 -9.49 0.00
N LEU A 149 -1.83 -10.63 0.26
CA LEU A 149 -2.41 -11.94 -0.17
C LEU A 149 -3.76 -12.12 0.52
N PHE A 150 -3.93 -11.71 1.78
CA PHE A 150 -5.21 -11.91 2.49
C PHE A 150 -6.35 -11.17 1.77
N ASN A 151 -6.07 -9.95 1.31
CA ASN A 151 -7.06 -9.15 0.55
C ASN A 151 -7.40 -9.86 -0.76
N PHE A 152 -6.41 -10.44 -1.43
CA PHE A 152 -6.67 -11.17 -2.70
C PHE A 152 -7.62 -12.33 -2.41
N HIS A 153 -7.37 -13.06 -1.32
CA HIS A 153 -8.21 -14.19 -0.90
C HIS A 153 -9.66 -13.70 -0.71
N ALA A 154 -9.84 -12.56 -0.07
CA ALA A 154 -11.18 -11.94 0.11
C ALA A 154 -11.80 -11.61 -1.25
N HIS A 155 -11.04 -11.01 -2.16
CA HIS A 155 -11.57 -10.62 -3.50
C HIS A 155 -12.06 -11.86 -4.22
N VAL A 156 -11.29 -12.96 -4.19
CA VAL A 156 -11.71 -14.18 -4.91
C VAL A 156 -12.96 -14.79 -4.25
N SER A 157 -13.24 -14.50 -2.99
CA SER A 157 -14.41 -15.01 -2.24
C SER A 157 -15.64 -14.11 -2.43
N LEU A 158 -15.55 -13.02 -3.21
CA LEU A 158 -16.68 -12.04 -3.33
C LEU A 158 -17.96 -12.73 -3.82
N PRO A 159 -17.91 -13.66 -4.81
CA PRO A 159 -19.15 -14.34 -5.23
C PRO A 159 -19.87 -15.00 -4.04
N GLN A 160 -19.11 -15.57 -3.07
CA GLN A 160 -19.70 -16.24 -1.90
C GLN A 160 -20.23 -15.17 -0.94
N PHE A 161 -19.48 -14.07 -0.74
CA PHE A 161 -19.93 -12.97 0.15
C PHE A 161 -21.24 -12.39 -0.38
N ASP A 162 -21.35 -12.27 -1.70
CA ASP A 162 -22.55 -11.75 -2.42
C ASP A 162 -23.76 -12.64 -2.13
N GLU A 163 -23.62 -13.96 -2.30
CA GLU A 163 -24.68 -14.98 -2.08
C GLU A 163 -25.16 -14.94 -0.63
N LEU A 164 -24.29 -14.57 0.32
CA LEU A 164 -24.62 -14.56 1.77
C LEU A 164 -25.31 -13.23 2.16
N GLY A 165 -25.29 -12.24 1.24
CA GLY A 165 -25.92 -10.92 1.50
C GLY A 165 -24.99 -9.97 2.24
N TYR A 166 -23.71 -10.31 2.39
CA TYR A 166 -22.73 -9.45 3.11
C TYR A 166 -22.46 -8.15 2.34
N LEU A 167 -22.74 -8.10 1.03
CA LEU A 167 -22.43 -6.93 0.17
C LEU A 167 -23.64 -6.00 0.09
N ASP A 168 -24.77 -6.37 0.71
CA ASP A 168 -26.00 -5.54 0.89
C ASP A 168 -25.79 -4.52 2.01
N PRO A 169 -25.62 -3.22 1.70
CA PRO A 169 -25.45 -2.19 2.73
C PRO A 169 -26.62 -2.11 3.72
N ASP A 170 -27.83 -2.44 3.24
CA ASP A 170 -29.10 -2.31 3.99
C ASP A 170 -29.26 -3.47 4.98
N ASP A 171 -28.58 -4.60 4.75
CA ASP A 171 -28.64 -5.82 5.62
C ASP A 171 -27.67 -5.65 6.80
N LYS A 172 -28.09 -4.95 7.85
CA LYS A 172 -27.24 -4.59 9.02
C LYS A 172 -27.31 -5.69 10.10
N THR A 173 -27.52 -6.96 9.71
CA THR A 173 -27.53 -8.14 10.61
C THR A 173 -26.15 -8.81 10.62
N ARG A 174 -25.84 -9.52 11.72
CA ARG A 174 -24.71 -10.47 11.84
C ARG A 174 -23.36 -9.73 11.90
N LEU A 175 -23.36 -8.43 12.18
CA LEU A 175 -22.18 -7.54 11.96
C LEU A 175 -20.97 -8.02 12.77
N GLU A 176 -21.18 -8.48 14.00
CA GLU A 176 -20.08 -8.91 14.91
C GLU A 176 -19.80 -10.40 14.77
N GLU A 177 -20.53 -11.13 13.94
CA GLU A 177 -20.30 -12.58 13.72
C GLU A 177 -19.11 -12.79 12.79
N GLN A 178 -18.44 -13.94 12.93
CA GLN A 178 -17.47 -14.49 11.96
C GLN A 178 -18.18 -14.68 10.61
N ALA A 179 -17.56 -14.24 9.53
CA ALA A 179 -18.02 -14.47 8.15
C ALA A 179 -18.07 -15.98 7.89
N SER A 180 -19.21 -16.47 7.41
CA SER A 180 -19.44 -17.87 6.98
C SER A 180 -18.48 -18.19 5.83
N GLY A 181 -17.72 -19.28 5.97
CA GLY A 181 -16.71 -19.75 4.99
C GLY A 181 -15.43 -18.92 5.02
N PHE A 182 -15.28 -17.98 5.95
CA PHE A 182 -14.14 -17.03 5.99
C PHE A 182 -13.99 -16.51 7.41
N PRO A 183 -13.73 -17.40 8.38
CA PRO A 183 -13.86 -17.06 9.80
C PRO A 183 -12.83 -16.06 10.35
N MET A 184 -11.75 -15.77 9.61
CA MET A 184 -10.73 -14.76 10.01
C MET A 184 -11.34 -13.35 9.96
N LEU A 185 -12.49 -13.17 9.29
CA LEU A 185 -13.19 -11.86 9.18
C LEU A 185 -14.50 -11.85 9.95
N LYS A 186 -14.84 -10.68 10.49
CA LYS A 186 -16.21 -10.35 10.95
C LYS A 186 -17.00 -9.82 9.76
N VAL A 187 -18.32 -10.02 9.76
CA VAL A 187 -19.18 -9.59 8.63
C VAL A 187 -18.96 -8.08 8.43
N LYS A 188 -18.83 -7.31 9.51
CA LYS A 188 -18.67 -5.84 9.42
C LYS A 188 -17.37 -5.47 8.69
N ASP A 189 -16.32 -6.31 8.75
CA ASP A 189 -15.06 -6.06 7.99
C ASP A 189 -15.38 -6.09 6.48
N ILE A 190 -16.14 -7.09 6.03
CA ILE A 190 -16.53 -7.28 4.60
C ILE A 190 -17.44 -6.12 4.18
N LYS A 191 -18.36 -5.71 5.03
CA LYS A 191 -19.28 -4.60 4.70
C LYS A 191 -18.47 -3.33 4.49
N SER A 192 -17.47 -3.09 5.33
CA SER A 192 -16.61 -1.88 5.25
C SER A 192 -15.74 -1.93 3.98
N ALA A 193 -15.08 -3.06 3.75
CA ALA A 193 -14.13 -3.27 2.64
C ALA A 193 -14.84 -3.07 1.31
N TYR A 194 -16.08 -3.54 1.21
CA TYR A 194 -16.80 -3.57 -0.09
C TYR A 194 -18.03 -2.65 -0.06
N SER A 195 -18.02 -1.60 0.76
CA SER A 195 -19.11 -0.61 0.80
C SER A 195 -19.29 0.03 -0.58
N ASN A 196 -18.21 0.20 -1.35
CA ASN A 196 -18.26 0.77 -2.73
C ASN A 196 -18.48 -0.37 -3.74
N TRP A 197 -19.52 -1.18 -3.53
CA TRP A 197 -19.66 -2.47 -4.28
C TRP A 197 -20.01 -2.21 -5.75
N GLN A 198 -20.78 -1.16 -6.08
CA GLN A 198 -21.19 -0.93 -7.49
C GLN A 198 -19.94 -0.78 -8.37
N ILE A 199 -18.92 -0.07 -7.91
CA ILE A 199 -17.65 0.17 -8.66
C ILE A 199 -16.71 -1.03 -8.50
N LEU A 200 -16.51 -1.51 -7.28
CA LEU A 200 -15.49 -2.54 -7.00
C LEU A 200 -15.90 -3.88 -7.61
N LYS A 201 -17.21 -4.16 -7.73
CA LYS A 201 -17.67 -5.45 -8.29
C LYS A 201 -16.97 -5.65 -9.64
N GLU A 202 -17.06 -4.65 -10.53
CA GLU A 202 -16.55 -4.79 -11.92
C GLU A 202 -15.01 -4.80 -11.89
N ILE A 203 -14.40 -3.82 -11.21
CA ILE A 203 -12.92 -3.63 -11.23
C ILE A 203 -12.25 -4.90 -10.68
N LEU A 204 -12.70 -5.40 -9.53
CA LEU A 204 -11.95 -6.49 -8.88
C LEU A 204 -12.08 -7.78 -9.71
N GLY A 205 -13.24 -8.06 -10.30
CA GLY A 205 -13.39 -9.24 -11.16
C GLY A 205 -12.40 -9.19 -12.32
N LYS A 206 -12.26 -8.01 -12.93
CA LYS A 206 -11.32 -7.82 -14.08
C LYS A 206 -9.88 -7.93 -13.60
N MET A 207 -9.54 -7.36 -12.45
CA MET A 207 -8.19 -7.42 -11.89
C MET A 207 -7.85 -8.89 -11.64
N ILE A 208 -8.78 -9.66 -11.10
CA ILE A 208 -8.51 -11.10 -10.80
C ILE A 208 -8.29 -11.82 -12.13
N LYS A 209 -9.16 -11.63 -13.11
CA LYS A 209 -9.06 -12.38 -14.38
C LYS A 209 -7.73 -12.06 -15.06
N GLN A 210 -7.34 -10.79 -15.12
CA GLN A 210 -6.12 -10.41 -15.87
C GLN A 210 -4.87 -10.71 -15.05
N THR A 211 -4.96 -10.81 -13.71
CA THR A 211 -3.86 -11.30 -12.86
C THR A 211 -3.66 -12.80 -13.13
N LYS A 212 -4.73 -13.59 -13.21
CA LYS A 212 -4.62 -15.02 -13.54
C LYS A 212 -4.03 -15.21 -14.95
N ALA A 213 -4.27 -14.26 -15.86
CA ALA A 213 -3.84 -14.36 -17.28
C ALA A 213 -2.38 -13.90 -17.45
N SER A 214 -1.77 -13.31 -16.42
CA SER A 214 -0.44 -12.69 -16.49
C SER A 214 0.65 -13.77 -16.50
N SER A 215 1.90 -13.36 -16.70
CA SER A 215 3.08 -14.24 -16.75
C SER A 215 3.69 -14.41 -15.36
N GLY A 216 3.21 -13.72 -14.35
CA GLY A 216 3.85 -13.78 -13.03
C GLY A 216 3.33 -12.69 -12.13
N VAL A 217 3.29 -12.98 -10.83
CA VAL A 217 2.70 -12.06 -9.82
C VAL A 217 3.75 -11.84 -8.73
N ILE A 218 4.11 -10.57 -8.54
CA ILE A 218 5.04 -10.13 -7.49
C ILE A 218 4.19 -9.55 -6.38
N TRP A 219 4.35 -10.09 -5.17
CA TRP A 219 3.59 -9.63 -3.99
C TRP A 219 4.54 -8.88 -3.07
N ASN A 220 4.16 -7.70 -2.65
CA ASN A 220 4.90 -6.93 -1.63
C ASN A 220 4.51 -7.50 -0.27
N SER A 221 5.19 -8.56 0.14
CA SER A 221 4.82 -9.34 1.34
C SER A 221 5.97 -10.29 1.61
N PHE A 222 5.83 -11.12 2.63
CA PHE A 222 6.75 -12.27 2.81
C PHE A 222 5.97 -13.45 3.35
N LYS A 223 6.51 -14.64 3.08
CA LYS A 223 5.82 -15.92 3.36
C LYS A 223 5.40 -15.98 4.82
N GLU A 224 6.28 -15.60 5.76
CA GLU A 224 6.04 -15.73 7.22
C GLU A 224 5.04 -14.66 7.69
N LEU A 225 4.71 -13.70 6.85
CA LEU A 225 3.68 -12.70 7.19
C LEU A 225 2.29 -13.28 6.92
N GLU A 226 2.13 -14.00 5.81
CA GLU A 226 0.79 -14.34 5.26
C GLU A 226 0.72 -15.85 4.93
N GLU A 227 1.34 -16.70 5.74
CA GLU A 227 1.50 -18.14 5.44
C GLU A 227 0.12 -18.78 5.19
N SER A 228 -0.92 -18.36 5.93
CA SER A 228 -2.30 -18.89 5.81
C SER A 228 -2.87 -18.68 4.39
N GLU A 229 -2.31 -17.74 3.61
CA GLU A 229 -2.91 -17.29 2.32
C GLU A 229 -2.16 -17.86 1.12
N LEU A 230 -1.03 -18.52 1.31
CA LEU A 230 -0.18 -19.04 0.19
C LEU A 230 -0.93 -20.08 -0.63
N GLU A 231 -1.67 -21.00 0.01
CA GLU A 231 -2.33 -22.08 -0.76
C GLU A 231 -3.35 -21.47 -1.73
N THR A 232 -4.07 -20.43 -1.31
CA THR A 232 -5.05 -19.71 -2.16
C THR A 232 -4.35 -19.14 -3.41
N VAL A 233 -3.20 -18.47 -3.27
CA VAL A 233 -2.57 -17.84 -4.46
CA VAL A 233 -2.48 -17.85 -4.41
C VAL A 233 -1.99 -18.92 -5.38
N ILE A 234 -1.46 -20.01 -4.84
CA ILE A 234 -0.93 -21.14 -5.67
C ILE A 234 -2.09 -21.79 -6.41
N ARG A 235 -3.26 -21.93 -5.79
CA ARG A 235 -4.44 -22.56 -6.42
C ARG A 235 -5.03 -21.61 -7.46
N GLU A 236 -5.13 -20.32 -7.16
CA GLU A 236 -5.92 -19.36 -8.02
C GLU A 236 -5.08 -18.84 -9.20
N ILE A 237 -3.79 -18.64 -9.01
CA ILE A 237 -2.90 -18.00 -10.03
C ILE A 237 -1.95 -19.05 -10.60
N PRO A 238 -2.14 -19.46 -11.87
CA PRO A 238 -1.30 -20.49 -12.48
C PRO A 238 0.14 -20.02 -12.70
N ALA A 239 0.36 -18.72 -12.94
CA ALA A 239 1.72 -18.19 -13.12
C ALA A 239 2.44 -18.19 -11.78
N PRO A 240 3.78 -18.15 -11.78
CA PRO A 240 4.52 -18.11 -10.51
C PRO A 240 4.25 -16.82 -9.72
N SER A 241 4.21 -16.96 -8.41
CA SER A 241 4.12 -15.85 -7.43
C SER A 241 5.47 -15.70 -6.72
N PHE A 242 5.86 -14.47 -6.48
CA PHE A 242 7.14 -14.10 -5.85
C PHE A 242 6.78 -13.19 -4.69
N LEU A 243 7.20 -13.53 -3.49
CA LEU A 243 6.87 -12.69 -2.31
C LEU A 243 8.14 -11.98 -1.87
N ILE A 244 8.22 -10.68 -2.08
CA ILE A 244 9.41 -9.85 -1.77
C ILE A 244 8.94 -8.69 -0.93
N PRO A 245 9.44 -8.53 0.31
CA PRO A 245 9.02 -7.42 1.17
C PRO A 245 9.90 -6.20 0.86
N LEU A 246 9.39 -5.37 -0.02
CA LEU A 246 10.14 -4.26 -0.61
C LEU A 246 10.71 -3.33 0.47
N PRO A 247 10.01 -2.99 1.56
CA PRO A 247 10.61 -2.10 2.57
C PRO A 247 11.89 -2.67 3.20
N LYS A 248 12.10 -3.99 3.13
CA LYS A 248 13.35 -4.59 3.67
C LYS A 248 14.54 -4.40 2.70
N HIS A 249 14.28 -4.08 1.44
CA HIS A 249 15.31 -3.76 0.43
C HIS A 249 15.66 -2.28 0.50
N LEU A 250 14.68 -1.39 0.54
CA LEU A 250 14.95 0.06 0.60
C LEU A 250 13.68 0.81 1.01
N THR A 251 13.84 2.00 1.56
CA THR A 251 12.67 2.87 1.82
C THR A 251 12.21 3.51 0.51
N ALA A 252 11.00 4.05 0.58
CA ALA A 252 10.35 4.72 -0.56
C ALA A 252 10.61 6.23 -0.50
N SER A 253 11.68 6.70 0.16
CA SER A 253 11.84 8.17 0.35
C SER A 253 11.95 8.90 -1.00
N SER A 254 12.60 8.30 -2.00
CA SER A 254 12.91 8.96 -3.29
C SER A 254 11.62 9.17 -4.10
N SER A 255 10.54 8.43 -3.81
CA SER A 255 9.28 8.51 -4.62
C SER A 255 8.22 9.33 -3.88
N SER A 256 8.59 10.03 -2.83
CA SER A 256 7.67 10.93 -2.11
C SER A 256 7.04 11.95 -3.08
N LEU A 257 5.72 12.14 -3.03
CA LEU A 257 5.01 13.15 -3.87
C LEU A 257 4.96 14.50 -3.16
N LEU A 258 5.34 14.54 -1.88
CA LEU A 258 5.27 15.76 -1.04
C LEU A 258 6.64 16.03 -0.42
N ASP A 259 6.86 17.26 0.04
CA ASP A 259 8.15 17.65 0.66
C ASP A 259 8.20 17.07 2.06
N HIS A 260 9.34 16.50 2.43
CA HIS A 260 9.57 15.94 3.79
C HIS A 260 9.76 17.08 4.80
N ASP A 261 9.12 16.97 5.96
CA ASP A 261 9.53 17.74 7.17
C ASP A 261 10.59 16.90 7.91
N ARG A 262 11.87 17.17 7.62
CA ARG A 262 13.03 16.49 8.24
C ARG A 262 13.38 17.08 9.62
N THR A 263 12.80 18.24 10.03
CA THR A 263 13.00 18.82 11.40
C THR A 263 12.49 17.84 12.46
N VAL A 264 11.73 16.82 12.08
CA VAL A 264 11.19 15.85 13.08
C VAL A 264 12.34 15.04 13.69
N PHE A 265 13.44 14.76 12.99
CA PHE A 265 14.51 13.87 13.51
C PHE A 265 15.23 14.53 14.70
N GLN A 266 15.45 15.85 14.65
CA GLN A 266 16.08 16.60 15.77
C GLN A 266 15.21 16.46 17.03
N TRP A 267 13.88 16.45 16.86
CA TRP A 267 12.90 16.30 17.96
C TRP A 267 12.87 14.84 18.45
N LEU A 268 12.88 13.90 17.53
CA LEU A 268 12.90 12.45 17.91
C LEU A 268 14.16 12.16 18.73
N ASP A 269 15.28 12.80 18.40
CA ASP A 269 16.58 12.60 19.10
C ASP A 269 16.49 13.15 20.54
N GLN A 270 15.45 13.92 20.88
CA GLN A 270 15.31 14.41 22.28
C GLN A 270 14.35 13.54 23.08
N GLN A 271 13.88 12.43 22.53
CA GLN A 271 12.86 11.58 23.20
C GLN A 271 13.54 10.31 23.70
N PRO A 272 13.12 9.80 24.86
CA PRO A 272 13.57 8.48 25.32
C PRO A 272 13.15 7.38 24.34
N PRO A 273 13.90 6.27 24.32
CA PRO A 273 13.56 5.12 23.46
C PRO A 273 12.12 4.61 23.65
N SER A 274 11.45 4.31 22.53
CA SER A 274 10.12 3.67 22.49
C SER A 274 9.06 4.53 23.19
N SER A 275 9.27 5.84 23.27
CA SER A 275 8.37 6.74 24.04
C SER A 275 7.41 7.49 23.13
N VAL A 276 7.54 7.39 21.80
CA VAL A 276 6.77 8.25 20.85
C VAL A 276 5.74 7.40 20.08
N LEU A 277 4.49 7.85 20.07
CA LEU A 277 3.46 7.32 19.15
C LEU A 277 3.55 8.08 17.82
N TYR A 278 3.90 7.38 16.74
CA TYR A 278 3.78 7.94 15.37
C TYR A 278 2.34 7.75 14.93
N VAL A 279 1.75 8.80 14.35
CA VAL A 279 0.32 8.79 13.92
C VAL A 279 0.26 9.28 12.48
N SER A 280 -0.36 8.50 11.59
CA SER A 280 -0.60 8.91 10.19
C SER A 280 -1.79 8.13 9.65
N PHE A 281 -2.82 8.84 9.18
CA PHE A 281 -4.07 8.22 8.69
C PHE A 281 -4.07 8.14 7.16
N GLY A 282 -2.93 8.35 6.47
CA GLY A 282 -2.78 7.93 5.07
C GLY A 282 -2.40 9.03 4.10
N SER A 283 -2.58 8.76 2.80
CA SER A 283 -2.33 9.77 1.74
C SER A 283 -3.65 10.35 1.19
N THR A 284 -4.80 9.72 1.47
N THR A 284 -4.82 9.73 1.39
CA THR A 284 -6.11 10.02 0.84
CA THR A 284 -6.12 10.28 0.87
C THR A 284 -7.21 10.29 1.88
C THR A 284 -7.30 10.17 1.85
N SER A 285 -7.07 9.82 3.12
CA SER A 285 -8.13 9.71 4.16
C SER A 285 -8.70 11.08 4.55
N GLU A 286 -9.97 11.10 5.02
CA GLU A 286 -10.72 12.33 5.42
C GLU A 286 -11.62 12.00 6.63
N VAL A 287 -11.70 12.91 7.61
CA VAL A 287 -12.62 12.78 8.79
C VAL A 287 -13.43 14.07 8.91
N ASP A 288 -14.57 13.98 9.61
CA ASP A 288 -15.36 15.14 10.10
C ASP A 288 -14.55 15.86 11.19
N GLU A 289 -14.94 17.09 11.51
CA GLU A 289 -14.35 17.86 12.65
C GLU A 289 -14.59 17.12 13.96
N LYS A 290 -15.79 16.54 14.11
CA LYS A 290 -16.23 15.80 15.33
C LYS A 290 -15.21 14.71 15.64
N ASP A 291 -14.81 13.94 14.63
CA ASP A 291 -13.88 12.79 14.76
C ASP A 291 -12.44 13.28 14.98
N PHE A 292 -12.00 14.28 14.22
CA PHE A 292 -10.64 14.88 14.28
C PHE A 292 -10.36 15.44 15.67
N LEU A 293 -11.36 16.09 16.28
CA LEU A 293 -11.21 16.61 17.66
C LEU A 293 -11.26 15.44 18.65
N GLU A 294 -12.04 14.38 18.37
CA GLU A 294 -12.11 13.19 19.25
C GLU A 294 -10.75 12.44 19.22
N ILE A 295 -10.12 12.35 18.05
CA ILE A 295 -8.74 11.79 17.89
C ILE A 295 -7.77 12.64 18.72
N ALA A 296 -7.82 13.96 18.59
CA ALA A 296 -6.91 14.90 19.28
C ALA A 296 -7.01 14.68 20.81
N ARG A 297 -8.24 14.54 21.33
CA ARG A 297 -8.53 14.33 22.78
C ARG A 297 -7.96 12.99 23.24
N GLY A 298 -8.18 11.92 22.46
CA GLY A 298 -7.61 10.59 22.72
C GLY A 298 -6.11 10.64 22.86
N LEU A 299 -5.42 11.34 21.96
CA LEU A 299 -3.94 11.49 21.98
C LEU A 299 -3.52 12.19 23.26
N VAL A 300 -4.18 13.29 23.61
CA VAL A 300 -3.89 14.02 24.89
C VAL A 300 -4.20 13.12 26.09
N ASP A 301 -5.37 12.47 26.10
CA ASP A 301 -5.81 11.54 27.18
C ASP A 301 -4.77 10.43 27.40
N SER A 302 -4.10 9.96 26.34
CA SER A 302 -3.09 8.86 26.41
C SER A 302 -1.92 9.24 27.31
N LYS A 303 -1.57 10.54 27.36
CA LYS A 303 -0.41 11.12 28.08
C LYS A 303 0.91 10.65 27.45
N GLN A 304 0.88 10.10 26.23
CA GLN A 304 2.12 9.67 25.54
C GLN A 304 2.56 10.79 24.61
N SER A 305 3.86 10.90 24.36
CA SER A 305 4.43 11.78 23.31
C SER A 305 3.98 11.29 21.94
N PHE A 306 3.80 12.20 20.99
CA PHE A 306 3.31 11.79 19.65
C PHE A 306 3.84 12.71 18.56
N LEU A 307 4.02 12.13 17.38
CA LEU A 307 4.32 12.81 16.12
C LEU A 307 3.19 12.45 15.14
N TRP A 308 2.37 13.44 14.83
CA TRP A 308 1.12 13.24 14.05
C TRP A 308 1.29 13.92 12.68
N VAL A 309 1.35 13.12 11.63
CA VAL A 309 1.28 13.60 10.23
C VAL A 309 -0.20 13.83 9.89
N VAL A 310 -0.55 15.08 9.67
CA VAL A 310 -1.89 15.44 9.15
C VAL A 310 -1.70 16.05 7.77
N ARG A 311 -2.24 15.35 6.79
CA ARG A 311 -2.31 15.82 5.39
CA ARG A 311 -2.29 15.83 5.39
C ARG A 311 -3.30 16.97 5.32
N PRO A 312 -2.97 18.10 4.65
CA PRO A 312 -3.97 19.10 4.31
C PRO A 312 -5.15 18.40 3.63
N GLY A 313 -6.37 18.66 4.10
CA GLY A 313 -7.61 18.07 3.58
C GLY A 313 -8.05 16.85 4.38
N PHE A 314 -7.23 16.40 5.32
CA PHE A 314 -7.63 15.31 6.25
C PHE A 314 -8.92 15.67 6.96
N VAL A 315 -9.04 16.94 7.36
CA VAL A 315 -10.19 17.48 8.16
C VAL A 315 -11.18 18.12 7.19
N LYS A 316 -12.40 17.59 7.12
CA LYS A 316 -13.48 18.14 6.27
C LYS A 316 -13.89 19.49 6.86
N GLY A 317 -13.64 20.54 6.08
CA GLY A 317 -14.06 21.93 6.35
C GLY A 317 -12.87 22.85 6.52
N SER A 318 -11.67 22.31 6.74
CA SER A 318 -10.44 23.10 7.02
C SER A 318 -9.34 22.79 6.00
N THR A 319 -8.47 23.77 5.72
CA THR A 319 -7.25 23.65 4.89
C THR A 319 -6.27 22.65 5.53
N TRP A 320 -6.13 22.70 6.85
CA TRP A 320 -5.18 21.83 7.61
C TRP A 320 -5.80 21.44 8.96
N VAL A 321 -5.38 22.12 10.05
CA VAL A 321 -5.71 21.72 11.44
C VAL A 321 -6.27 22.94 12.20
N GLU A 322 -6.99 23.82 11.51
CA GLU A 322 -7.54 25.09 12.05
C GLU A 322 -8.38 24.84 13.30
N PRO A 323 -9.24 23.79 13.37
CA PRO A 323 -10.03 23.54 14.58
C PRO A 323 -9.24 23.21 15.85
N LEU A 324 -7.92 22.96 15.75
CA LEU A 324 -7.04 22.72 16.92
C LEU A 324 -6.61 24.05 17.54
N PRO A 325 -6.78 24.24 18.88
CA PRO A 325 -6.24 25.41 19.57
C PRO A 325 -4.70 25.48 19.55
N ASP A 326 -4.13 26.68 19.47
CA ASP A 326 -2.68 26.95 19.61
C ASP A 326 -2.24 26.50 21.02
N GLY A 327 -1.12 25.78 21.11
CA GLY A 327 -0.54 25.31 22.39
C GLY A 327 -1.06 23.93 22.76
N PHE A 328 -2.26 23.56 22.31
CA PHE A 328 -2.91 22.24 22.52
C PHE A 328 -1.94 21.14 22.04
N LEU A 329 -1.97 19.98 22.70
CA LEU A 329 -1.07 18.83 22.42
C LEU A 329 0.17 18.91 23.35
N GLY A 330 0.54 20.10 23.83
CA GLY A 330 1.51 20.31 24.94
C GLY A 330 2.96 20.30 24.49
N GLU A 331 3.87 19.90 25.39
CA GLU A 331 5.31 19.62 25.09
C GLU A 331 5.37 18.30 24.31
N ARG A 332 4.38 17.45 24.56
CA ARG A 332 4.36 16.00 24.19
C ARG A 332 4.17 15.80 22.68
N GLY A 333 3.41 16.68 22.01
CA GLY A 333 2.86 16.43 20.66
C GLY A 333 3.43 17.36 19.61
N ARG A 334 3.64 16.86 18.39
CA ARG A 334 4.02 17.63 17.19
C ARG A 334 3.05 17.23 16.07
N ILE A 335 2.54 18.21 15.34
CA ILE A 335 1.85 17.98 14.03
C ILE A 335 2.75 18.49 12.92
N VAL A 336 2.84 17.69 11.86
CA VAL A 336 3.60 18.01 10.63
C VAL A 336 2.73 17.59 9.44
N LYS A 337 3.11 18.03 8.25
CA LYS A 337 2.38 17.75 7.00
C LYS A 337 2.80 16.43 6.37
N TRP A 338 4.06 16.05 6.53
CA TRP A 338 4.65 14.91 5.77
C TRP A 338 6.04 14.60 6.29
N VAL A 339 6.37 13.30 6.41
CA VAL A 339 7.71 12.88 6.86
C VAL A 339 8.23 11.78 5.95
N PRO A 340 9.51 11.36 6.09
CA PRO A 340 9.96 10.12 5.48
C PRO A 340 9.55 8.99 6.41
N GLN A 341 8.40 8.36 6.13
CA GLN A 341 7.70 7.57 7.16
C GLN A 341 8.52 6.35 7.60
N GLN A 342 9.07 5.56 6.67
CA GLN A 342 9.82 4.36 7.11
C GLN A 342 11.04 4.78 7.93
N GLU A 343 11.68 5.91 7.59
CA GLU A 343 12.86 6.40 8.34
C GLU A 343 12.42 6.82 9.75
N VAL A 344 11.22 7.39 9.89
CA VAL A 344 10.64 7.74 11.22
C VAL A 344 10.36 6.44 12.00
N LEU A 345 9.75 5.42 11.36
CA LEU A 345 9.43 4.15 12.04
C LEU A 345 10.71 3.46 12.51
N ALA A 346 11.81 3.65 11.80
CA ALA A 346 13.11 3.04 12.15
C ALA A 346 13.76 3.74 13.36
N HIS A 347 13.34 4.94 13.72
CA HIS A 347 13.99 5.74 14.81
C HIS A 347 13.72 5.08 16.17
N GLY A 348 14.71 5.08 17.06
CA GLY A 348 14.59 4.40 18.35
C GLY A 348 13.53 5.03 19.24
N ALA A 349 13.15 6.27 19.00
CA ALA A 349 12.13 6.99 19.81
C ALA A 349 10.74 6.34 19.61
N ILE A 350 10.49 5.71 18.46
CA ILE A 350 9.11 5.26 18.13
C ILE A 350 8.79 3.99 18.90
N GLY A 351 7.71 4.03 19.70
CA GLY A 351 7.18 2.89 20.47
C GLY A 351 5.98 2.25 19.81
N ALA A 352 5.26 2.98 18.95
CA ALA A 352 4.04 2.46 18.30
C ALA A 352 3.63 3.34 17.13
N PHE A 353 2.74 2.81 16.32
CA PHE A 353 2.25 3.49 15.10
C PHE A 353 0.73 3.34 15.06
N TRP A 354 0.01 4.46 15.18
CA TRP A 354 -1.44 4.54 14.92
C TRP A 354 -1.62 4.85 13.43
N THR A 355 -2.10 3.83 12.72
CA THR A 355 -2.12 3.74 11.25
C THR A 355 -3.57 3.60 10.81
N HIS A 356 -3.87 4.01 9.58
CA HIS A 356 -5.15 3.71 8.90
C HIS A 356 -5.13 2.32 8.29
N SER A 357 -4.02 1.60 8.41
CA SER A 357 -3.92 0.19 7.97
C SER A 357 -3.80 0.09 6.45
N GLY A 358 -3.35 1.14 5.76
CA GLY A 358 -2.89 0.98 4.37
C GLY A 358 -1.79 -0.07 4.31
N TRP A 359 -1.67 -0.79 3.21
CA TRP A 359 -0.71 -1.93 3.20
C TRP A 359 0.74 -1.48 3.28
N ASN A 360 1.13 -0.42 2.55
CA ASN A 360 2.54 0.03 2.64
C ASN A 360 2.86 0.41 4.07
N SER A 361 2.00 1.16 4.74
CA SER A 361 2.25 1.61 6.13
C SER A 361 2.34 0.39 7.05
N THR A 362 1.44 -0.57 6.87
CA THR A 362 1.39 -1.77 7.72
C THR A 362 2.70 -2.55 7.52
N LEU A 363 3.08 -2.79 6.27
CA LEU A 363 4.31 -3.58 5.98
C LEU A 363 5.57 -2.84 6.45
N GLU A 364 5.63 -1.52 6.27
CA GLU A 364 6.81 -0.75 6.78
C GLU A 364 6.90 -0.91 8.30
N SER A 365 5.80 -0.80 9.01
CA SER A 365 5.79 -0.91 10.49
C SER A 365 6.28 -2.31 10.87
N VAL A 366 5.75 -3.33 10.20
CA VAL A 366 6.17 -4.74 10.48
C VAL A 366 7.67 -4.85 10.25
N CYS A 367 8.16 -4.30 9.15
CA CYS A 367 9.57 -4.43 8.76
C CYS A 367 10.47 -3.66 9.73
N GLU A 368 9.95 -2.65 10.46
CA GLU A 368 10.74 -1.90 11.47
C GLU A 368 10.41 -2.37 12.90
N GLY A 369 9.58 -3.39 13.09
CA GLY A 369 9.34 -3.97 14.42
C GLY A 369 8.47 -3.07 15.28
N VAL A 370 7.62 -2.25 14.67
CA VAL A 370 6.81 -1.26 15.45
C VAL A 370 5.40 -1.80 15.56
N PRO A 371 4.90 -2.00 16.80
CA PRO A 371 3.52 -2.46 17.01
C PRO A 371 2.53 -1.34 16.69
N MET A 372 1.29 -1.71 16.40
CA MET A 372 0.30 -0.79 15.78
C MET A 372 -0.99 -0.65 16.57
N ILE A 373 -1.59 0.53 16.42
CA ILE A 373 -3.02 0.81 16.71
C ILE A 373 -3.65 1.01 15.33
N PHE A 374 -4.73 0.30 15.05
CA PHE A 374 -5.37 0.31 13.71
C PHE A 374 -6.68 1.07 13.77
N SER A 375 -6.82 2.04 12.88
CA SER A 375 -8.13 2.54 12.41
C SER A 375 -8.25 2.12 10.94
N ASP A 376 -9.36 2.44 10.30
CA ASP A 376 -9.51 2.09 8.87
C ASP A 376 -10.48 3.07 8.22
N PHE A 377 -10.32 3.23 6.91
CA PHE A 377 -11.20 4.07 6.05
C PHE A 377 -11.70 3.20 4.90
N GLY A 378 -11.94 1.93 5.16
CA GLY A 378 -12.51 1.00 4.17
C GLY A 378 -11.48 0.47 3.17
N LEU A 379 -11.95 0.06 2.00
CA LEU A 379 -11.10 -0.66 1.01
C LEU A 379 -10.43 -1.85 1.72
N ASP A 380 -9.14 -2.07 1.49
CA ASP A 380 -8.41 -3.22 2.04
C ASP A 380 -8.05 -2.97 3.51
N GLN A 381 -8.27 -1.76 4.03
CA GLN A 381 -7.76 -1.36 5.37
C GLN A 381 -8.34 -2.23 6.49
N PRO A 382 -9.66 -2.47 6.58
CA PRO A 382 -10.23 -3.27 7.68
C PRO A 382 -9.71 -4.70 7.66
N LEU A 383 -9.47 -5.28 6.48
CA LEU A 383 -8.87 -6.65 6.40
C LEU A 383 -7.43 -6.63 6.92
N ASN A 384 -6.60 -5.64 6.54
CA ASN A 384 -5.21 -5.55 7.05
C ASN A 384 -5.27 -5.42 8.58
N ALA A 385 -6.15 -4.55 9.10
CA ALA A 385 -6.26 -4.32 10.56
C ALA A 385 -6.66 -5.62 11.26
N ARG A 386 -7.63 -6.34 10.69
CA ARG A 386 -8.14 -7.59 11.31
C ARG A 386 -7.04 -8.64 11.30
N TYR A 387 -6.35 -8.81 10.18
CA TYR A 387 -5.32 -9.87 10.07
C TYR A 387 -4.15 -9.56 11.03
N MET A 388 -3.68 -8.31 11.05
CA MET A 388 -2.52 -7.95 11.89
C MET A 388 -2.91 -8.02 13.38
N SER A 389 -4.12 -7.61 13.73
CA SER A 389 -4.55 -7.56 15.14
C SER A 389 -4.89 -8.97 15.65
N ASP A 390 -5.52 -9.84 14.86
CA ASP A 390 -6.09 -11.12 15.36
C ASP A 390 -5.27 -12.34 14.96
N VAL A 391 -4.60 -12.32 13.81
CA VAL A 391 -3.77 -13.48 13.37
C VAL A 391 -2.33 -13.28 13.85
N LEU A 392 -1.64 -12.25 13.38
CA LEU A 392 -0.25 -11.98 13.81
C LEU A 392 -0.21 -11.46 15.26
N LYS A 393 -1.20 -10.69 15.71
CA LYS A 393 -1.26 -10.07 17.06
C LYS A 393 -0.09 -9.09 17.23
N VAL A 394 0.02 -8.14 16.31
CA VAL A 394 1.06 -7.07 16.38
C VAL A 394 0.41 -5.69 16.53
N GLY A 395 -0.85 -5.64 16.91
CA GLY A 395 -1.48 -4.37 17.30
C GLY A 395 -2.91 -4.53 17.77
N VAL A 396 -3.53 -3.40 18.06
CA VAL A 396 -4.91 -3.31 18.62
C VAL A 396 -5.77 -2.59 17.59
N TYR A 397 -6.93 -3.16 17.26
CA TYR A 397 -7.89 -2.63 16.27
C TYR A 397 -8.95 -1.82 16.99
N LEU A 398 -8.97 -0.50 16.75
CA LEU A 398 -10.09 0.41 17.15
C LEU A 398 -11.19 0.28 16.09
N GLU A 399 -12.06 -0.71 16.26
CA GLU A 399 -12.98 -1.19 15.19
C GLU A 399 -14.39 -0.62 15.40
N ASN A 400 -14.59 0.29 16.36
CA ASN A 400 -15.91 0.88 16.66
C ASN A 400 -15.84 2.41 16.63
N GLY A 401 -15.08 2.97 15.68
CA GLY A 401 -15.00 4.43 15.45
C GLY A 401 -13.98 5.12 16.34
N TRP A 402 -14.29 6.36 16.72
CA TRP A 402 -13.39 7.22 17.53
C TRP A 402 -14.08 7.60 18.83
N GLU A 403 -13.61 7.05 19.94
CA GLU A 403 -14.00 7.46 21.31
C GLU A 403 -12.71 7.66 22.12
N ARG A 404 -12.60 8.81 22.77
CA ARG A 404 -11.35 9.32 23.39
C ARG A 404 -10.83 8.33 24.45
N GLY A 405 -11.72 7.77 25.27
CA GLY A 405 -11.39 6.72 26.26
C GLY A 405 -10.75 5.51 25.60
N GLU A 406 -11.38 4.98 24.56
CA GLU A 406 -10.95 3.74 23.85
C GLU A 406 -9.60 3.97 23.17
N ILE A 407 -9.40 5.17 22.59
CA ILE A 407 -8.14 5.59 21.91
C ILE A 407 -7.01 5.63 22.94
N ALA A 408 -7.27 6.25 24.09
CA ALA A 408 -6.30 6.37 25.19
C ALA A 408 -5.89 4.97 25.66
N ASN A 409 -6.86 4.07 25.89
CA ASN A 409 -6.62 2.70 26.41
C ASN A 409 -5.76 1.91 25.41
N ALA A 410 -6.09 1.97 24.11
CA ALA A 410 -5.38 1.27 23.02
C ALA A 410 -3.93 1.74 22.95
N ILE A 411 -3.71 3.06 22.99
CA ILE A 411 -2.35 3.66 22.92
C ILE A 411 -1.53 3.17 24.12
N ARG A 412 -2.09 3.26 25.32
CA ARG A 412 -1.40 2.85 26.58
C ARG A 412 -1.13 1.35 26.55
N ARG A 413 -2.10 0.55 26.07
CA ARG A 413 -1.98 -0.94 26.02
C ARG A 413 -0.74 -1.28 25.21
N VAL A 414 -0.63 -0.72 24.00
CA VAL A 414 0.50 -1.08 23.10
C VAL A 414 1.81 -0.51 23.65
N MET A 415 1.85 0.73 24.15
CA MET A 415 3.14 1.39 24.43
C MET A 415 3.65 1.16 25.85
N VAL A 416 2.77 1.06 26.85
CA VAL A 416 3.17 1.11 28.28
C VAL A 416 2.70 -0.12 29.06
N ASP A 417 1.44 -0.51 28.95
CA ASP A 417 0.84 -1.56 29.84
C ASP A 417 1.69 -2.84 29.79
N GLU A 418 1.97 -3.48 30.93
CA GLU A 418 2.60 -4.83 30.95
C GLU A 418 1.70 -5.81 30.18
N GLU A 419 0.39 -5.59 30.22
CA GLU A 419 -0.63 -6.41 29.50
C GLU A 419 -0.34 -6.42 27.99
N GLY A 420 0.34 -5.41 27.47
CA GLY A 420 0.61 -5.26 26.03
C GLY A 420 1.99 -5.76 25.63
N GLU A 421 2.80 -6.26 26.58
CA GLU A 421 4.18 -6.73 26.27
C GLU A 421 4.15 -7.77 25.15
N TYR A 422 3.17 -8.68 25.12
CA TYR A 422 3.14 -9.75 24.08
C TYR A 422 3.02 -9.14 22.68
N ILE A 423 2.31 -8.02 22.55
CA ILE A 423 2.12 -7.32 21.26
C ILE A 423 3.46 -6.70 20.83
N ARG A 424 4.16 -6.05 21.75
CA ARG A 424 5.48 -5.43 21.48
C ARG A 424 6.46 -6.55 21.09
N GLN A 425 6.42 -7.67 21.82
CA GLN A 425 7.32 -8.81 21.54
C GLN A 425 6.99 -9.41 20.17
N ASN A 426 5.70 -9.58 19.85
CA ASN A 426 5.26 -10.15 18.55
C ASN A 426 5.80 -9.27 17.40
N ALA A 427 5.76 -7.96 17.55
CA ALA A 427 6.24 -7.00 16.53
C ALA A 427 7.75 -7.17 16.38
N ARG A 428 8.49 -7.30 17.49
CA ARG A 428 9.95 -7.51 17.45
C ARG A 428 10.27 -8.79 16.66
N VAL A 429 9.62 -9.89 17.00
CA VAL A 429 9.87 -11.21 16.38
C VAL A 429 9.47 -11.21 14.89
N LEU A 430 8.38 -10.54 14.52
CA LEU A 430 7.97 -10.51 13.11
C LEU A 430 9.01 -9.74 12.27
N LYS A 431 9.61 -8.67 12.81
CA LYS A 431 10.69 -7.95 12.13
C LYS A 431 11.86 -8.92 11.90
N GLN A 432 12.15 -9.73 12.92
CA GLN A 432 13.28 -10.69 12.83
C GLN A 432 12.97 -11.70 11.71
N LYS A 433 11.73 -12.18 11.64
CA LYS A 433 11.32 -13.13 10.58
C LYS A 433 11.48 -12.47 9.21
N ALA A 434 11.13 -11.19 9.08
CA ALA A 434 11.34 -10.49 7.79
C ALA A 434 12.84 -10.46 7.44
N ASP A 435 13.70 -10.14 8.40
CA ASP A 435 15.17 -10.08 8.17
C ASP A 435 15.70 -11.46 7.77
N VAL A 436 15.30 -12.52 8.49
CA VAL A 436 15.75 -13.91 8.18
C VAL A 436 15.29 -14.29 6.78
N SER A 437 14.12 -13.83 6.35
CA SER A 437 13.55 -14.17 5.02
C SER A 437 14.46 -13.68 3.89
N LEU A 438 15.29 -12.65 4.14
CA LEU A 438 16.22 -12.10 3.12
C LEU A 438 17.57 -12.85 3.08
N MET A 439 17.86 -13.70 4.06
CA MET A 439 19.13 -14.49 4.09
C MET A 439 19.03 -15.61 3.05
N LYS A 440 20.20 -16.07 2.62
CA LYS A 440 20.31 -17.23 1.71
C LYS A 440 19.44 -18.35 2.28
N GLY A 441 18.61 -18.94 1.44
CA GLY A 441 17.65 -19.98 1.84
C GLY A 441 16.34 -19.43 2.35
N GLY A 442 16.24 -18.13 2.65
CA GLY A 442 14.99 -17.52 3.11
C GLY A 442 13.96 -17.40 2.01
N SER A 443 12.69 -17.28 2.40
CA SER A 443 11.55 -17.24 1.46
C SER A 443 11.74 -16.04 0.49
N SER A 444 12.12 -14.87 1.00
CA SER A 444 12.20 -13.61 0.20
C SER A 444 13.43 -13.66 -0.71
N TYR A 445 14.58 -14.11 -0.18
CA TYR A 445 15.80 -14.31 -0.98
C TYR A 445 15.48 -15.23 -2.15
N GLU A 446 14.83 -16.37 -1.88
CA GLU A 446 14.56 -17.36 -2.95
C GLU A 446 13.55 -16.76 -3.94
N SER A 447 12.56 -15.99 -3.46
CA SER A 447 11.57 -15.32 -4.35
C SER A 447 12.31 -14.39 -5.29
N LEU A 448 13.21 -13.58 -4.77
CA LEU A 448 13.93 -12.61 -5.63
C LEU A 448 14.87 -13.33 -6.62
N GLU A 449 15.64 -14.31 -6.16
CA GLU A 449 16.54 -15.06 -7.09
C GLU A 449 15.69 -15.70 -8.20
N SER A 450 14.57 -16.33 -7.84
CA SER A 450 13.65 -16.95 -8.82
C SER A 450 13.11 -15.89 -9.79
N LEU A 451 12.73 -14.73 -9.28
CA LEU A 451 12.12 -13.67 -10.12
C LEU A 451 13.15 -13.25 -11.18
N VAL A 452 14.41 -13.05 -10.76
CA VAL A 452 15.47 -12.61 -11.69
C VAL A 452 15.71 -13.70 -12.75
N SER A 453 15.84 -14.97 -12.36
CA SER A 453 16.00 -16.11 -13.32
C SER A 453 14.80 -16.17 -14.28
N TYR A 454 13.60 -16.00 -13.75
CA TYR A 454 12.34 -16.10 -14.52
C TYR A 454 12.29 -14.99 -15.58
N ILE A 455 12.51 -13.73 -15.18
CA ILE A 455 12.50 -12.60 -16.16
C ILE A 455 13.58 -12.83 -17.21
N SER A 456 14.77 -13.29 -16.83
CA SER A 456 15.90 -13.51 -17.76
C SER A 456 15.55 -14.60 -18.77
N SER A 457 14.61 -15.51 -18.46
CA SER A 457 14.18 -16.66 -19.30
C SER A 457 13.06 -16.28 -20.29
N LEU A 458 12.41 -15.12 -20.14
CA LEU A 458 11.13 -14.82 -20.84
C LEU A 458 11.35 -14.75 -22.36
N LEU A 459 12.52 -14.35 -22.82
CA LEU A 459 12.79 -14.16 -24.27
C LEU A 459 13.47 -15.40 -24.89
N GLU A 460 13.64 -16.50 -24.14
CA GLU A 460 14.17 -17.79 -24.67
C GLU A 460 13.05 -18.54 -25.40
N1 UDP B . 4.07 8.17 3.68
C2 UDP B . 5.19 8.98 3.81
N3 UDP B . 5.14 10.01 4.65
C4 UDP B . 4.06 10.29 5.39
C5 UDP B . 2.93 9.50 5.27
C6 UDP B . 3.00 8.39 4.44
O2 UDP B . 6.23 8.74 3.20
O4 UDP B . 4.02 11.31 6.15
C1' UDP B . 4.13 7.03 2.79
C2' UDP B . 4.13 5.71 3.52
O2' UDP B . 5.38 5.40 4.07
C3' UDP B . 3.61 4.73 2.50
C4' UDP B . 2.65 5.61 1.71
O4' UDP B . 2.96 7.00 2.01
O3' UDP B . 4.66 4.18 1.69
C5' UDP B . 1.18 5.42 2.05
O5' UDP B . 0.80 4.12 1.56
PA UDP B . -0.32 3.24 2.28
O1A UDP B . -0.42 1.99 1.46
O2A UDP B . -0.01 3.09 3.73
O3A UDP B . -1.74 4.02 2.28
PB UDP B . -2.43 5.14 1.33
O1B UDP B . -3.86 4.96 1.66
O2B UDP B . -2.11 4.64 -0.05
O3B UDP B . -1.85 6.45 1.81
C1 GOL C . 18.33 4.65 -2.81
O1 GOL C . 18.22 3.46 -2.03
C2 GOL C . 16.99 4.96 -3.43
O2 GOL C . 16.42 6.09 -2.76
C3 GOL C . 17.08 5.20 -4.92
O3 GOL C . 15.79 5.45 -5.49
O6 AUO D . -2.65 -1.14 -2.48
C6 AUO D . -1.78 -0.20 -1.78
C5 AUO D . -2.58 0.78 -0.95
C4 AUO D . -3.70 0.27 -0.06
O4 AUO D . -3.30 -0.59 1.03
C3 AUO D . -4.39 1.50 0.56
O3 AUO D . -5.41 1.13 1.45
O5 AUO D . -3.27 1.47 -1.99
C1 AUO D . -4.02 2.64 -1.62
C2 AUO D . -5.05 2.33 -0.55
O2 AUO D . -5.66 3.52 0.04
O61 AUO D . -10.75 -3.06 -3.17
C61 AUO D . -10.23 -1.74 -2.97
C51 AUO D . -8.90 -1.53 -3.67
C41 AUO D . -7.88 -2.60 -3.31
O41 AUO D . -8.25 -3.88 -3.87
C31 AUO D . -6.50 -2.22 -3.82
O31 AUO D . -5.50 -3.16 -3.35
O51 AUO D . -8.45 -0.25 -3.25
C11 AUO D . -7.22 0.17 -3.77
C21 AUO D . -6.14 -0.83 -3.34
O21 AUO D . -4.90 -0.45 -3.91
O62 AUO D . -8.22 7.27 -4.99
C64 AUO D . -6.87 6.72 -5.00
C52 AUO D . -7.01 5.37 -4.32
C42 AUO D . -5.64 4.82 -3.91
O42 AUO D . -4.98 5.73 -3.05
C32 AUO D . -5.84 3.49 -3.19
O32 AUO D . -4.53 2.99 -2.93
O52 AUO D . -7.58 4.39 -5.19
C62 AUO D . -7.91 3.16 -4.56
C19 AUO D . -9.71 0.47 -7.20
C22 AUO D . -6.62 2.50 -4.06
O22 AUO D . -6.95 1.41 -3.17
O11 AUO D . -12.61 8.33 -6.13
C55 AUO D . -13.58 7.90 -5.44
O AUO D . -13.79 8.33 -4.27
C23 AUO D . -14.49 6.84 -6.04
C15 AUO D . -15.64 6.45 -5.14
C54 AUO D . -15.19 7.50 -7.23
C53 AUO D . -13.66 5.60 -6.47
C63 AUO D . -12.46 5.94 -7.37
C7 AUO D . -11.98 4.66 -8.04
C9 AUO D . -11.59 3.61 -7.02
C17 AUO D . -11.39 2.28 -7.76
C14 AUO D . -10.28 1.64 -6.94
C10 AUO D . -10.22 3.90 -6.36
C18 AUO D . -9.89 2.53 -5.81
C12 AUO D . -10.82 2.29 -4.61
C13 AUO D . -12.28 2.26 -5.00
C8 AUO D . -12.70 3.38 -5.98
C43 AUO D . -13.24 4.69 -5.32
C16 AUO D . -12.23 5.39 -4.37
C33 AUO D . -14.44 4.33 -4.49
C AUO D . -15.28 5.52 -4.01
O19 AUO D . -8.51 2.29 -5.53
C19 AQ9 E . 9.40 -19.55 -10.05
C18 AQ9 E . 9.47 -21.01 -7.99
C17 AQ9 E . 8.93 -18.61 -7.75
C1 AQ9 E . 10.34 -21.12 -0.69
C3 AQ9 E . 12.63 -22.23 -0.63
C5 AQ9 E . 11.42 -21.46 1.43
C15 AQ9 E . 8.20 -20.05 -1.29
C14 AQ9 E . 7.98 -17.65 -1.34
C7 AQ9 E . 9.64 -18.29 -5.35
C6 AQ9 E . 11.48 -20.86 2.82
C9 AQ9 E . 9.06 -19.27 -6.38
C10 AQ9 E . 9.98 -20.48 -6.65
C12 AQ9 E . 8.13 -21.68 -7.76
O6 AQ9 E . 10.16 -20.90 3.36
C4 AQ9 E . 12.79 -21.62 0.77
O4 AQ9 E . 13.61 -22.47 1.58
O3 AQ9 E . 13.90 -22.31 -1.34
O5 AQ9 E . 10.55 -20.64 0.64
O1 AQ9 E . 9.64 -20.08 -1.40
C2 AQ9 E . 11.67 -21.37 -1.44
O2 AQ9 E . 11.45 -21.99 -2.73
O AQ9 E . 7.58 -20.84 -0.58
C42 AQ9 E . 7.55 -18.93 -2.08
C41 AQ9 E . 6.02 -19.02 -1.95
C43 AQ9 E . 7.98 -18.93 -3.59
C33 AQ9 E . 9.49 -18.76 -3.90
C46 AQ9 E . 9.27 -19.72 -8.74
C39 AQ9 E . 7.08 -20.80 -7.02
C8 AQ9 E . 7.62 -19.74 -6.00
C44 AQ9 E . 7.40 -20.07 -4.47
C16 AQ9 E . 8.02 -21.44 -4.12
C45 AQ9 E . 5.89 -20.19 -4.25
C40 AQ9 E . 5.42 -20.15 -2.78
O19 AQ9 E . 10.42 -21.87 -8.63
#